data_4NSB
#
_entry.id   4NSB
#
_cell.length_a   60.742
_cell.length_b   66.922
_cell.length_c   106.660
_cell.angle_alpha   90.00
_cell.angle_beta   90.00
_cell.angle_gamma   90.00
#
_symmetry.space_group_name_H-M   'P 21 21 21'
#
loop_
_entity.id
_entity.type
_entity.pdbx_description
1 polymer 'Chitinase-3-like protein 1'
2 non-polymer 2-acetamido-2-deoxy-beta-D-glucopyranose
3 non-polymer '2-(ACETYLOXY)BENZOIC ACID'
4 water water
#
_entity_poly.entity_id   1
_entity_poly.type   'polypeptide(L)'
_entity_poly.pdbx_seq_one_letter_code
;YKLICYYTSWSQYREGDGSCFPDAIDPFLCTHVIYSFANISNNEIDTWEWNDVTLYDTLNTLKNRNPNLKTLLSVGGWNY
GSQRFSKIASKTQSRRTFIKSVPPFLRTHGFDGLDLAWLWPGWRDKRHLTTLVKEMKAEFVREAQAGTEQLLLSAAVTAG
KIAIDRGYDIAQISRHLDFISLLTYDFHGAWRQTVGHHSPLFRGNEDASSRFSNADYAVSYMLRLGAPANKLVMGIPTFG
RSYTLASSKTDVGAPISGPGIPGRFTKWKGILAYYEICDFLHGATTHRFRDQQVPYATKGNQWVAYDDQESVKNKARYLK
NRQLAGAMVWALDLDDFRGTFCGQNLTFPLTSAIKDVLARV
;
_entity_poly.pdbx_strand_id   A
#
loop_
_chem_comp.id
_chem_comp.type
_chem_comp.name
_chem_comp.formula
AIN non-polymer '2-(ACETYLOXY)BENZOIC ACID' 'C9 H8 O4'
NAG D-saccharide, beta linking 2-acetamido-2-deoxy-beta-D-glucopyranose 'C8 H15 N O6'
#
# COMPACT_ATOMS: atom_id res chain seq x y z
N TYR A 1 2.97 -17.39 -4.86
CA TYR A 1 2.89 -16.16 -4.03
C TYR A 1 2.48 -14.95 -4.86
N LYS A 2 1.45 -14.24 -4.41
CA LYS A 2 0.98 -13.04 -5.08
C LYS A 2 1.91 -11.85 -4.81
N LEU A 3 2.17 -11.02 -5.82
CA LEU A 3 2.93 -9.81 -5.58
C LEU A 3 1.99 -8.73 -6.02
N ILE A 4 1.41 -8.03 -5.06
CA ILE A 4 0.41 -7.00 -5.31
C ILE A 4 1.04 -5.61 -5.36
N CYS A 5 0.99 -4.97 -6.52
CA CYS A 5 1.59 -3.65 -6.70
C CYS A 5 0.60 -2.54 -7.02
N TYR A 6 0.63 -1.48 -6.22
CA TYR A 6 -0.24 -0.30 -6.38
C TYR A 6 0.33 0.76 -7.35
N TYR A 7 -0.53 1.44 -8.08
CA TYR A 7 -0.10 2.51 -8.96
C TYR A 7 -0.97 3.70 -8.66
N THR A 8 -0.36 4.87 -8.55
CA THR A 8 -1.07 6.09 -8.23
C THR A 8 -1.34 6.96 -9.46
N SER A 9 -2.58 7.45 -9.56
CA SER A 9 -3.05 8.28 -10.68
C SER A 9 -2.41 9.66 -10.81
N TRP A 10 -1.94 10.22 -9.71
CA TRP A 10 -1.34 11.55 -9.77
C TRP A 10 0.13 11.51 -10.13
N SER A 11 0.73 10.33 -9.96
CA SER A 11 2.13 10.12 -10.30
C SER A 11 2.40 10.76 -11.65
N GLN A 12 1.37 10.86 -12.48
CA GLN A 12 1.52 11.43 -13.81
C GLN A 12 1.94 12.90 -13.85
N TYR A 13 1.55 13.69 -12.85
CA TYR A 13 1.86 15.12 -12.83
C TYR A 13 3.28 15.44 -12.38
N ARG A 14 3.89 14.52 -11.63
CA ARG A 14 5.23 14.76 -11.15
C ARG A 14 6.12 15.28 -12.26
N GLU A 15 6.96 16.27 -11.95
CA GLU A 15 7.86 16.89 -12.93
C GLU A 15 8.94 15.98 -13.54
N GLY A 16 9.17 16.16 -14.83
CA GLY A 16 10.18 15.41 -15.53
C GLY A 16 10.17 13.90 -15.35
N ASP A 17 11.31 13.36 -14.93
CA ASP A 17 11.47 11.93 -14.74
C ASP A 17 10.65 11.34 -13.61
N GLY A 18 9.92 12.20 -12.92
CA GLY A 18 9.06 11.72 -11.87
C GLY A 18 7.73 11.35 -12.49
N SER A 19 7.46 11.90 -13.67
CA SER A 19 6.22 11.63 -14.37
C SER A 19 6.13 10.15 -14.69
N CYS A 20 5.14 9.50 -14.11
CA CYS A 20 4.94 8.06 -14.32
C CYS A 20 3.52 7.75 -14.74
N PHE A 21 3.39 7.06 -15.88
CA PHE A 21 2.07 6.65 -16.35
C PHE A 21 2.07 5.15 -16.19
N PRO A 22 0.99 4.47 -16.59
CA PRO A 22 1.05 3.02 -16.42
C PRO A 22 1.81 2.28 -17.52
N ASP A 23 2.21 2.98 -18.59
CA ASP A 23 2.91 2.27 -19.66
C ASP A 23 4.37 1.95 -19.29
N ALA A 24 4.85 2.56 -18.21
CA ALA A 24 6.22 2.32 -17.75
C ALA A 24 6.33 0.97 -17.01
N ILE A 25 5.20 0.47 -16.53
CA ILE A 25 5.13 -0.80 -15.79
C ILE A 25 5.52 -2.08 -16.58
N ASP A 26 6.50 -2.81 -16.08
CA ASP A 26 6.94 -4.09 -16.66
C ASP A 26 5.81 -5.07 -16.32
N PRO A 27 5.15 -5.68 -17.32
CA PRO A 27 4.04 -6.61 -17.16
C PRO A 27 4.25 -7.96 -16.49
N PHE A 28 5.50 -8.34 -16.25
CA PHE A 28 5.78 -9.61 -15.60
C PHE A 28 6.39 -9.34 -14.24
N LEU A 29 6.36 -8.08 -13.83
CA LEU A 29 6.89 -7.68 -12.54
C LEU A 29 5.94 -8.20 -11.48
N CYS A 30 4.72 -7.70 -11.50
CA CYS A 30 3.72 -8.09 -10.51
C CYS A 30 2.81 -9.23 -10.94
N THR A 31 1.79 -9.48 -10.11
CA THR A 31 0.76 -10.48 -10.37
C THR A 31 -0.55 -9.73 -10.34
N HIS A 32 -0.70 -8.82 -9.39
CA HIS A 32 -1.89 -7.98 -9.27
C HIS A 32 -1.47 -6.53 -9.20
N VAL A 33 -1.91 -5.74 -10.17
CA VAL A 33 -1.60 -4.31 -10.19
C VAL A 33 -2.88 -3.57 -9.82
N ILE A 34 -2.83 -2.74 -8.79
CA ILE A 34 -4.01 -2.02 -8.39
C ILE A 34 -3.88 -0.54 -8.70
N TYR A 35 -4.96 0.05 -9.19
CA TYR A 35 -4.94 1.45 -9.62
C TYR A 35 -5.70 2.36 -8.66
N SER A 36 -4.99 3.33 -8.10
CA SER A 36 -5.59 4.30 -7.21
C SER A 36 -5.53 5.69 -7.83
N PHE A 37 -6.59 6.46 -7.70
CA PHE A 37 -7.77 6.02 -6.96
C PHE A 37 -9.06 6.29 -7.73
N ALA A 38 -10.14 5.67 -7.26
CA ALA A 38 -11.51 5.80 -7.85
C ALA A 38 -12.38 6.52 -6.86
N ASN A 39 -13.24 7.40 -7.35
CA ASN A 39 -14.09 8.30 -6.54
C ASN A 39 -15.42 7.66 -6.42
N ILE A 40 -16.33 8.25 -5.67
CA ILE A 40 -17.72 7.83 -5.60
C ILE A 40 -18.55 9.11 -5.75
N SER A 41 -19.70 8.99 -6.39
CA SER A 41 -20.58 10.15 -6.61
C SER A 41 -21.91 9.63 -7.09
N ASN A 42 -22.99 10.16 -6.54
CA ASN A 42 -24.32 9.68 -6.88
C ASN A 42 -24.32 8.25 -6.38
N ASN A 43 -23.59 8.04 -5.30
CA ASN A 43 -23.48 6.74 -4.66
C ASN A 43 -23.00 5.58 -5.53
N GLU A 44 -22.06 5.86 -6.43
CA GLU A 44 -21.51 4.80 -7.25
C GLU A 44 -20.09 5.08 -7.71
N ILE A 45 -19.39 4.02 -8.05
CA ILE A 45 -18.00 4.13 -8.47
C ILE A 45 -17.85 5.02 -9.71
N ASP A 46 -16.96 6.00 -9.61
CA ASP A 46 -16.70 6.95 -10.69
C ASP A 46 -15.20 7.22 -10.73
N THR A 47 -14.75 7.89 -11.78
CA THR A 47 -13.34 8.20 -11.93
C THR A 47 -12.98 9.39 -11.06
N TRP A 48 -11.68 9.56 -10.86
CA TRP A 48 -11.16 10.66 -10.06
C TRP A 48 -10.58 11.72 -10.97
N GLU A 49 -9.50 11.37 -11.67
CA GLU A 49 -8.84 12.28 -12.58
C GLU A 49 -9.69 12.52 -13.81
N TRP A 50 -9.35 13.57 -14.55
CA TRP A 50 -10.06 13.97 -15.76
C TRP A 50 -9.86 13.02 -16.93
N ASN A 51 -8.84 12.17 -16.85
CA ASN A 51 -8.51 11.25 -17.93
C ASN A 51 -8.26 9.80 -17.47
N ASP A 52 -8.88 9.39 -16.37
CA ASP A 52 -8.71 8.03 -15.86
C ASP A 52 -9.12 6.99 -16.90
N VAL A 53 -10.13 7.30 -17.69
CA VAL A 53 -10.59 6.36 -18.70
C VAL A 53 -9.48 6.00 -19.69
N THR A 54 -8.58 6.93 -19.94
CA THR A 54 -7.45 6.70 -20.84
C THR A 54 -6.43 5.84 -20.13
N LEU A 55 -6.10 6.26 -18.92
CA LEU A 55 -5.11 5.57 -18.11
C LEU A 55 -5.55 4.16 -17.80
N TYR A 56 -6.82 3.97 -17.46
CA TYR A 56 -7.34 2.64 -17.17
C TYR A 56 -6.97 1.78 -18.36
N ASP A 57 -7.34 2.27 -19.54
CA ASP A 57 -7.10 1.60 -20.83
C ASP A 57 -5.64 1.27 -21.09
N THR A 58 -4.75 2.17 -20.68
CA THR A 58 -3.31 1.99 -20.86
C THR A 58 -2.81 0.88 -19.95
N LEU A 59 -3.44 0.78 -18.78
CA LEU A 59 -3.07 -0.23 -17.81
C LEU A 59 -3.58 -1.57 -18.30
N ASN A 60 -4.89 -1.62 -18.54
CA ASN A 60 -5.54 -2.84 -18.98
C ASN A 60 -5.17 -3.27 -20.39
N THR A 61 -4.11 -2.70 -20.94
CA THR A 61 -3.64 -3.13 -22.26
C THR A 61 -2.31 -3.82 -21.98
N LEU A 62 -1.77 -3.61 -20.79
CA LEU A 62 -0.53 -4.25 -20.43
C LEU A 62 -0.87 -5.73 -20.35
N LYS A 63 -2.14 -6.01 -20.08
CA LYS A 63 -2.63 -7.38 -19.98
C LYS A 63 -2.55 -8.10 -21.31
N ASN A 64 -2.30 -7.37 -22.38
CA ASN A 64 -2.16 -7.97 -23.70
C ASN A 64 -0.79 -8.61 -23.78
N ARG A 65 0.16 -8.01 -23.07
CA ARG A 65 1.53 -8.52 -23.02
C ARG A 65 1.57 -9.70 -22.08
N ASN A 66 1.00 -9.54 -20.89
CA ASN A 66 0.94 -10.63 -19.92
C ASN A 66 -0.51 -11.01 -19.78
N PRO A 67 -0.98 -11.93 -20.65
CA PRO A 67 -2.36 -12.39 -20.62
C PRO A 67 -2.81 -12.84 -19.23
N ASN A 68 -1.85 -13.21 -18.37
CA ASN A 68 -2.15 -13.67 -17.02
C ASN A 68 -2.21 -12.62 -15.90
N LEU A 69 -1.79 -11.39 -16.20
CA LEU A 69 -1.79 -10.32 -15.19
C LEU A 69 -3.22 -9.99 -14.81
N LYS A 70 -3.45 -9.70 -13.53
CA LYS A 70 -4.78 -9.32 -13.08
C LYS A 70 -4.69 -7.88 -12.58
N THR A 71 -5.74 -7.09 -12.84
CA THR A 71 -5.79 -5.67 -12.48
C THR A 71 -7.03 -5.23 -11.66
N LEU A 72 -6.81 -4.62 -10.51
CA LEU A 72 -7.94 -4.15 -9.69
C LEU A 72 -7.98 -2.63 -9.61
N LEU A 73 -9.14 -2.10 -9.23
CA LEU A 73 -9.32 -0.66 -9.08
C LEU A 73 -9.63 -0.43 -7.62
N SER A 74 -8.97 0.54 -7.01
CA SER A 74 -9.16 0.81 -5.59
C SER A 74 -10.10 2.00 -5.37
N VAL A 75 -10.92 1.92 -4.32
CA VAL A 75 -11.89 2.98 -4.04
C VAL A 75 -11.65 3.80 -2.78
N GLY A 76 -11.59 5.11 -2.96
CA GLY A 76 -11.39 5.99 -1.82
C GLY A 76 -9.98 6.49 -1.60
N GLY A 77 -9.30 5.91 -0.60
CA GLY A 77 -7.96 6.37 -0.27
C GLY A 77 -8.16 7.49 0.74
N TRP A 78 -7.15 8.31 0.95
CA TRP A 78 -7.27 9.38 1.95
C TRP A 78 -7.93 10.69 1.50
N ASN A 79 -7.58 11.16 0.29
CA ASN A 79 -8.15 12.40 -0.27
C ASN A 79 -9.64 12.19 -0.43
N TYR A 80 -10.22 11.47 0.50
CA TYR A 80 -11.59 11.04 0.35
C TYR A 80 -12.18 10.73 1.70
N GLY A 81 -13.11 11.57 2.19
CA GLY A 81 -13.67 11.49 3.53
C GLY A 81 -14.21 10.19 4.08
N SER A 82 -13.76 9.81 5.28
CA SER A 82 -14.25 8.59 5.94
C SER A 82 -15.75 8.77 6.09
N GLN A 83 -16.12 9.99 6.47
CA GLN A 83 -17.50 10.36 6.65
C GLN A 83 -18.27 10.07 5.38
N ARG A 84 -17.62 10.29 4.25
CA ARG A 84 -18.26 10.05 2.96
C ARG A 84 -18.54 8.55 2.78
N PHE A 85 -17.49 7.74 2.88
CA PHE A 85 -17.58 6.29 2.74
C PHE A 85 -18.61 5.75 3.73
N SER A 86 -18.50 6.20 4.97
CA SER A 86 -19.38 5.78 6.05
C SER A 86 -20.84 6.06 5.72
N LYS A 87 -21.09 7.22 5.12
CA LYS A 87 -22.42 7.65 4.72
C LYS A 87 -23.01 6.65 3.73
N ILE A 88 -22.21 6.22 2.76
CA ILE A 88 -22.67 5.26 1.75
C ILE A 88 -22.92 3.85 2.30
N ALA A 89 -22.02 3.35 3.13
CA ALA A 89 -22.13 2.00 3.68
C ALA A 89 -23.23 1.83 4.75
N SER A 90 -23.45 2.85 5.55
CA SER A 90 -24.44 2.80 6.63
C SER A 90 -25.92 2.76 6.26
N LYS A 91 -26.26 2.95 4.99
CA LYS A 91 -27.66 2.90 4.61
C LYS A 91 -27.89 1.82 3.56
N THR A 92 -28.99 1.10 3.70
CA THR A 92 -29.33 0.01 2.79
C THR A 92 -29.52 0.42 1.33
N GLN A 93 -30.08 1.59 1.04
CA GLN A 93 -30.26 1.93 -0.37
C GLN A 93 -29.04 2.54 -1.05
N SER A 94 -28.20 3.24 -0.29
CA SER A 94 -27.01 3.84 -0.89
C SER A 94 -25.92 2.77 -1.02
N ARG A 95 -25.97 1.80 -0.12
CA ARG A 95 -24.99 0.73 -0.14
C ARG A 95 -25.29 -0.18 -1.31
N ARG A 96 -26.56 -0.29 -1.66
CA ARG A 96 -26.99 -1.16 -2.76
C ARG A 96 -26.76 -0.50 -4.12
N THR A 97 -26.95 0.82 -4.17
CA THR A 97 -26.76 1.56 -5.41
C THR A 97 -25.31 1.42 -5.80
N PHE A 98 -24.43 1.74 -4.87
CA PHE A 98 -23.00 1.68 -5.09
C PHE A 98 -22.54 0.27 -5.50
N ILE A 99 -23.01 -0.74 -4.79
CA ILE A 99 -22.66 -2.11 -5.10
C ILE A 99 -23.09 -2.48 -6.53
N LYS A 100 -24.36 -2.24 -6.81
CA LYS A 100 -24.95 -2.52 -8.11
C LYS A 100 -24.14 -1.84 -9.22
N SER A 101 -23.51 -0.73 -8.87
CA SER A 101 -22.75 0.08 -9.82
C SER A 101 -21.35 -0.33 -10.19
N VAL A 102 -20.73 -1.20 -9.40
CA VAL A 102 -19.36 -1.62 -9.63
C VAL A 102 -19.06 -2.58 -10.80
N PRO A 103 -19.66 -3.78 -10.79
CA PRO A 103 -19.42 -4.74 -11.88
C PRO A 103 -19.46 -4.17 -13.30
N PRO A 104 -20.55 -3.48 -13.64
CA PRO A 104 -20.55 -2.94 -15.00
C PRO A 104 -19.38 -1.99 -15.25
N PHE A 105 -19.18 -1.01 -14.36
CA PHE A 105 -18.09 -0.06 -14.51
C PHE A 105 -16.77 -0.82 -14.65
N LEU A 106 -16.50 -1.70 -13.69
CA LEU A 106 -15.30 -2.50 -13.67
C LEU A 106 -15.10 -3.29 -14.97
N ARG A 107 -16.16 -3.91 -15.48
CA ARG A 107 -16.11 -4.70 -16.72
C ARG A 107 -15.86 -3.83 -17.95
N THR A 108 -16.41 -2.63 -17.94
CA THR A 108 -16.26 -1.68 -19.02
C THR A 108 -14.81 -1.27 -19.21
N HIS A 109 -14.10 -1.10 -18.11
CA HIS A 109 -12.73 -0.62 -18.18
C HIS A 109 -11.60 -1.64 -18.06
N GLY A 110 -11.97 -2.92 -18.09
CA GLY A 110 -10.98 -3.98 -18.06
C GLY A 110 -10.51 -4.53 -16.73
N PHE A 111 -10.97 -3.96 -15.62
CA PHE A 111 -10.54 -4.45 -14.32
C PHE A 111 -11.09 -5.82 -13.96
N ASP A 112 -10.32 -6.55 -13.16
CA ASP A 112 -10.66 -7.89 -12.72
C ASP A 112 -11.09 -7.94 -11.27
N GLY A 113 -11.36 -6.78 -10.69
CA GLY A 113 -11.79 -6.74 -9.32
C GLY A 113 -11.77 -5.38 -8.66
N LEU A 114 -12.19 -5.35 -7.40
CA LEU A 114 -12.25 -4.14 -6.61
C LEU A 114 -11.43 -4.25 -5.31
N ASP A 115 -10.72 -3.18 -4.96
CA ASP A 115 -9.94 -3.14 -3.72
C ASP A 115 -10.64 -2.07 -2.91
N LEU A 116 -10.98 -2.36 -1.65
CA LEU A 116 -11.68 -1.38 -0.84
C LEU A 116 -10.77 -0.52 0.03
N ALA A 117 -10.36 0.64 -0.50
CA ALA A 117 -9.49 1.53 0.25
C ALA A 117 -10.26 2.53 1.10
N TRP A 118 -10.86 2.03 2.17
CA TRP A 118 -11.59 2.89 3.09
C TRP A 118 -10.56 3.33 4.12
N LEU A 119 -9.99 4.51 3.86
CA LEU A 119 -9.06 5.05 4.82
C LEU A 119 -9.75 5.66 6.06
N TRP A 120 -10.00 4.55 6.74
CA TRP A 120 -10.58 4.08 7.91
C TRP A 120 -11.78 4.46 8.64
N PRO A 121 -12.60 3.43 8.81
CA PRO A 121 -13.88 3.28 9.46
C PRO A 121 -13.76 3.53 10.96
N GLY A 122 -14.81 4.19 11.44
CA GLY A 122 -14.90 4.48 12.83
C GLY A 122 -15.49 3.26 13.51
N TRP A 123 -15.73 3.35 14.82
CA TRP A 123 -16.27 2.20 15.52
C TRP A 123 -17.75 1.98 15.28
N ARG A 124 -18.45 3.02 14.83
CA ARG A 124 -19.87 2.91 14.49
C ARG A 124 -19.92 2.27 13.10
N ASP A 125 -18.81 2.41 12.38
CA ASP A 125 -18.66 1.91 11.01
C ASP A 125 -18.29 0.44 10.86
N LYS A 126 -17.74 -0.17 11.90
CA LYS A 126 -17.31 -1.57 11.77
C LYS A 126 -18.38 -2.54 11.29
N ARG A 127 -19.59 -2.39 11.81
CA ARG A 127 -20.70 -3.25 11.44
C ARG A 127 -20.97 -3.20 9.92
N HIS A 128 -20.98 -1.99 9.36
CA HIS A 128 -21.24 -1.79 7.93
C HIS A 128 -20.07 -2.18 7.03
N LEU A 129 -18.88 -2.24 7.58
CA LEU A 129 -17.72 -2.63 6.79
C LEU A 129 -17.87 -4.11 6.52
N THR A 130 -18.48 -4.83 7.47
CA THR A 130 -18.69 -6.27 7.32
C THR A 130 -19.82 -6.52 6.33
N THR A 131 -20.91 -5.78 6.53
CA THR A 131 -22.08 -5.86 5.68
C THR A 131 -21.74 -5.47 4.25
N LEU A 132 -20.92 -4.43 4.11
CA LEU A 132 -20.52 -3.93 2.80
C LEU A 132 -19.68 -4.92 2.00
N VAL A 133 -18.75 -5.60 2.67
CA VAL A 133 -17.89 -6.58 2.02
C VAL A 133 -18.72 -7.82 1.68
N LYS A 134 -19.52 -8.24 2.65
CA LYS A 134 -20.39 -9.40 2.49
C LYS A 134 -21.29 -9.18 1.28
N GLU A 135 -22.10 -8.13 1.32
CA GLU A 135 -22.99 -7.85 0.20
C GLU A 135 -22.24 -7.62 -1.11
N MET A 136 -21.12 -6.90 -1.06
CA MET A 136 -20.34 -6.63 -2.28
C MET A 136 -19.91 -7.91 -2.95
N LYS A 137 -19.44 -8.86 -2.15
CA LYS A 137 -19.00 -10.16 -2.65
C LYS A 137 -20.16 -10.89 -3.31
N ALA A 138 -21.28 -10.94 -2.62
CA ALA A 138 -22.48 -11.61 -3.11
C ALA A 138 -22.83 -11.13 -4.51
N GLU A 139 -22.56 -9.86 -4.80
CA GLU A 139 -22.84 -9.27 -6.11
C GLU A 139 -21.83 -9.78 -7.15
N PHE A 140 -20.57 -9.92 -6.75
CA PHE A 140 -19.55 -10.42 -7.65
C PHE A 140 -19.85 -11.89 -7.91
N VAL A 141 -20.52 -12.53 -6.96
CA VAL A 141 -20.86 -13.96 -7.11
C VAL A 141 -22.05 -14.13 -8.03
N ARG A 142 -22.95 -13.15 -8.04
CA ARG A 142 -24.15 -13.21 -8.87
C ARG A 142 -23.89 -12.75 -10.29
N GLU A 143 -22.78 -12.08 -10.54
CA GLU A 143 -22.47 -11.60 -11.89
C GLU A 143 -21.54 -12.60 -12.56
N ALA A 144 -21.05 -13.55 -11.77
CA ALA A 144 -20.17 -14.59 -12.27
C ALA A 144 -21.04 -15.51 -13.10
N GLN A 145 -22.32 -15.57 -12.74
CA GLN A 145 -23.31 -16.38 -13.44
C GLN A 145 -23.40 -16.00 -14.90
N ALA A 146 -22.96 -14.80 -15.26
CA ALA A 146 -23.08 -14.34 -16.64
C ALA A 146 -21.93 -14.62 -17.60
N GLY A 147 -21.12 -15.63 -17.31
CA GLY A 147 -20.03 -15.94 -18.21
C GLY A 147 -18.65 -15.56 -17.75
N THR A 148 -18.37 -14.26 -17.68
CA THR A 148 -17.05 -13.78 -17.27
C THR A 148 -16.55 -14.28 -15.91
N GLU A 149 -15.23 -14.54 -15.82
CA GLU A 149 -14.60 -15.01 -14.57
C GLU A 149 -14.94 -14.09 -13.40
N GLN A 150 -15.17 -14.66 -12.22
CA GLN A 150 -15.56 -13.87 -11.06
C GLN A 150 -14.62 -12.76 -10.63
N LEU A 151 -15.21 -11.59 -10.42
CA LEU A 151 -14.51 -10.38 -9.98
C LEU A 151 -13.88 -10.60 -8.62
N LEU A 152 -12.60 -10.25 -8.50
CA LEU A 152 -11.86 -10.40 -7.25
C LEU A 152 -12.24 -9.25 -6.37
N LEU A 153 -12.39 -9.49 -5.07
CA LEU A 153 -12.70 -8.39 -4.16
C LEU A 153 -11.68 -8.46 -3.04
N SER A 154 -10.92 -7.36 -2.90
CA SER A 154 -9.88 -7.27 -1.87
C SER A 154 -10.10 -6.02 -1.04
N ALA A 155 -9.43 -5.99 0.12
CA ALA A 155 -9.51 -4.86 1.05
C ALA A 155 -8.13 -4.38 1.44
N ALA A 156 -8.00 -3.10 1.75
CA ALA A 156 -6.72 -2.54 2.18
C ALA A 156 -6.84 -2.29 3.67
N VAL A 157 -6.15 -3.06 4.49
CA VAL A 157 -6.27 -2.86 5.93
C VAL A 157 -5.04 -2.24 6.57
N THR A 158 -5.29 -1.34 7.52
CA THR A 158 -4.22 -0.68 8.24
C THR A 158 -3.58 -1.70 9.17
N ALA A 159 -2.37 -1.42 9.65
CA ALA A 159 -1.69 -2.36 10.54
C ALA A 159 -1.56 -1.86 11.96
N GLY A 160 -2.29 -0.81 12.30
CA GLY A 160 -2.22 -0.28 13.65
C GLY A 160 -3.23 -0.98 14.51
N LYS A 161 -2.79 -1.52 15.64
CA LYS A 161 -3.67 -2.24 16.55
C LYS A 161 -4.94 -1.50 16.95
N ILE A 162 -4.85 -0.22 17.31
CA ILE A 162 -6.06 0.50 17.71
C ILE A 162 -7.04 0.62 16.54
N ALA A 163 -6.50 0.82 15.34
CA ALA A 163 -7.32 0.98 14.13
C ALA A 163 -8.07 -0.27 13.73
N ILE A 164 -7.38 -1.40 13.78
CA ILE A 164 -7.98 -2.69 13.45
C ILE A 164 -9.17 -2.91 14.38
N ASP A 165 -8.91 -2.81 15.68
CA ASP A 165 -9.93 -2.98 16.71
C ASP A 165 -11.11 -2.04 16.49
N ARG A 166 -10.80 -0.79 16.16
CA ARG A 166 -11.83 0.23 15.96
C ARG A 166 -12.82 -0.10 14.86
N GLY A 167 -12.36 -0.24 13.61
CA GLY A 167 -13.28 -0.50 12.53
C GLY A 167 -13.20 -1.73 11.64
N TYR A 168 -12.53 -2.80 12.08
CA TYR A 168 -12.45 -4.00 11.24
C TYR A 168 -12.77 -5.29 12.01
N ASP A 169 -13.74 -6.05 11.51
CA ASP A 169 -14.08 -7.35 12.09
C ASP A 169 -13.41 -8.34 11.16
N ILE A 170 -12.12 -8.59 11.41
CA ILE A 170 -11.30 -9.48 10.59
C ILE A 170 -11.83 -10.88 10.28
N ALA A 171 -12.18 -11.63 11.31
CA ALA A 171 -12.69 -12.99 11.13
C ALA A 171 -13.84 -13.07 10.14
N GLN A 172 -14.70 -12.06 10.16
CA GLN A 172 -15.86 -12.01 9.29
C GLN A 172 -15.55 -11.60 7.86
N ILE A 173 -14.72 -10.57 7.67
CA ILE A 173 -14.42 -10.11 6.32
C ILE A 173 -13.43 -10.99 5.57
N SER A 174 -12.64 -11.77 6.29
CA SER A 174 -11.64 -12.62 5.65
C SER A 174 -12.27 -13.71 4.82
N ARG A 175 -13.52 -14.05 5.13
CA ARG A 175 -14.24 -15.09 4.38
C ARG A 175 -14.62 -14.53 3.01
N HIS A 176 -15.27 -13.37 3.02
CA HIS A 176 -15.72 -12.73 1.81
C HIS A 176 -14.61 -12.12 0.93
N LEU A 177 -13.46 -11.79 1.52
CA LEU A 177 -12.35 -11.21 0.76
C LEU A 177 -11.37 -12.22 0.12
N ASP A 178 -10.90 -11.91 -1.09
CA ASP A 178 -9.98 -12.78 -1.80
C ASP A 178 -8.56 -12.62 -1.26
N PHE A 179 -8.31 -11.48 -0.63
CA PHE A 179 -7.03 -11.19 0.02
C PHE A 179 -7.09 -9.84 0.70
N ILE A 180 -6.32 -9.74 1.78
CA ILE A 180 -6.24 -8.55 2.61
C ILE A 180 -4.84 -7.95 2.59
N SER A 181 -4.72 -6.70 2.17
CA SER A 181 -3.42 -6.07 2.15
C SER A 181 -3.21 -5.25 3.41
N LEU A 182 -2.34 -5.75 4.26
CA LEU A 182 -1.99 -5.17 5.56
C LEU A 182 -0.95 -4.04 5.40
N LEU A 183 -1.32 -2.80 5.70
CA LEU A 183 -0.45 -1.62 5.56
C LEU A 183 0.64 -1.49 6.64
N THR A 184 1.71 -2.27 6.51
CA THR A 184 2.79 -2.26 7.47
C THR A 184 3.92 -1.24 7.23
N TYR A 185 3.56 0.05 7.15
CA TYR A 185 4.52 1.12 6.94
C TYR A 185 4.12 2.46 7.52
N ASP A 186 3.22 2.44 8.50
CA ASP A 186 2.77 3.66 9.11
C ASP A 186 2.85 3.47 10.60
N PHE A 187 3.96 2.90 11.04
CA PHE A 187 4.17 2.61 12.45
C PHE A 187 4.81 3.72 13.27
N HIS A 188 5.07 4.87 12.65
CA HIS A 188 5.67 6.00 13.36
C HIS A 188 4.80 7.25 13.16
N GLY A 189 3.99 7.58 14.15
CA GLY A 189 3.10 8.74 14.06
C GLY A 189 3.73 10.12 14.04
N ALA A 190 2.89 11.13 13.78
CA ALA A 190 3.33 12.53 13.74
C ALA A 190 3.77 12.95 15.13
N TRP A 191 2.82 12.94 16.06
CA TRP A 191 3.09 13.32 17.43
C TRP A 191 4.50 12.97 17.91
N ARG A 192 4.99 11.79 17.54
CA ARG A 192 6.33 11.38 17.98
C ARG A 192 7.28 12.53 17.75
N GLN A 193 7.73 13.18 18.82
CA GLN A 193 8.66 14.27 18.63
C GLN A 193 10.09 13.75 18.50
N THR A 194 10.26 12.62 17.80
CA THR A 194 11.59 12.04 17.56
C THR A 194 11.66 11.33 16.22
N VAL A 195 12.85 10.84 15.89
CA VAL A 195 13.04 10.08 14.67
C VAL A 195 12.47 8.69 15.00
N GLY A 196 12.50 7.77 14.04
CA GLY A 196 11.98 6.44 14.27
C GLY A 196 11.61 5.82 12.95
N HIS A 197 11.55 4.50 12.87
CA HIS A 197 11.20 3.88 11.62
C HIS A 197 9.71 3.54 11.53
N HIS A 198 9.13 3.86 10.38
CA HIS A 198 7.71 3.65 10.12
C HIS A 198 7.36 2.26 9.65
N SER A 199 8.32 1.55 9.06
CA SER A 199 8.05 0.21 8.57
C SER A 199 9.07 -0.76 9.12
N PRO A 200 9.17 -0.83 10.44
CA PRO A 200 10.13 -1.76 11.04
C PRO A 200 9.53 -3.18 11.03
N LEU A 201 10.39 -4.18 10.99
CA LEU A 201 9.91 -5.56 10.98
C LEU A 201 9.71 -6.06 12.41
N PHE A 202 10.66 -5.77 13.28
CA PHE A 202 10.55 -6.20 14.66
C PHE A 202 10.49 -4.98 15.58
N ARG A 203 10.30 -5.24 16.88
CA ARG A 203 10.15 -4.18 17.87
C ARG A 203 11.27 -3.15 18.01
N GLY A 204 12.40 -3.60 18.53
CA GLY A 204 13.51 -2.69 18.76
C GLY A 204 13.88 -2.75 20.24
N ASN A 205 15.03 -3.38 20.48
CA ASN A 205 15.58 -3.60 21.83
C ASN A 205 15.86 -2.31 22.62
N GLU A 206 15.80 -1.17 21.95
CA GLU A 206 16.15 0.09 22.57
C GLU A 206 15.23 0.71 23.68
N ASP A 207 13.89 0.64 23.54
CA ASP A 207 12.94 1.08 24.60
C ASP A 207 11.44 1.12 24.23
N ALA A 208 11.00 -0.12 24.15
CA ALA A 208 9.71 -0.49 23.71
C ALA A 208 8.85 0.52 24.32
N SER A 209 8.20 1.34 23.49
CA SER A 209 7.30 2.37 23.99
C SER A 209 5.86 1.99 23.69
N SER A 210 5.66 0.78 23.18
CA SER A 210 4.34 0.28 22.83
C SER A 210 4.44 -0.98 21.99
N ARG A 211 4.86 -2.08 22.62
CA ARG A 211 5.02 -3.35 21.92
C ARG A 211 3.85 -3.63 21.00
N PHE A 212 3.90 -3.08 19.79
CA PHE A 212 2.83 -3.28 18.81
C PHE A 212 3.12 -2.60 17.47
N SER A 213 4.10 -1.70 17.47
CA SER A 213 4.46 -0.89 16.31
C SER A 213 5.40 -1.50 15.28
N ASN A 214 5.06 -2.67 14.75
CA ASN A 214 5.89 -3.31 13.74
C ASN A 214 5.11 -4.36 12.97
N ALA A 215 5.58 -4.70 11.78
CA ALA A 215 4.92 -5.66 10.92
C ALA A 215 4.65 -6.97 11.63
N ASP A 216 5.69 -7.54 12.26
CA ASP A 216 5.53 -8.80 12.97
C ASP A 216 4.36 -8.80 13.97
N TYR A 217 4.21 -7.75 14.76
CA TYR A 217 3.09 -7.77 15.67
C TYR A 217 1.84 -7.83 14.80
N ALA A 218 1.67 -6.83 13.96
CA ALA A 218 0.50 -6.73 13.08
C ALA A 218 0.11 -8.03 12.37
N VAL A 219 1.10 -8.80 11.93
CA VAL A 219 0.81 -10.05 11.24
C VAL A 219 0.25 -11.10 12.18
N SER A 220 0.93 -11.28 13.30
CA SER A 220 0.49 -12.23 14.30
C SER A 220 -0.95 -11.90 14.68
N TYR A 221 -1.18 -10.62 14.96
CA TYR A 221 -2.49 -10.16 15.38
C TYR A 221 -3.64 -10.43 14.40
N MET A 222 -3.34 -10.36 13.10
CA MET A 222 -4.35 -10.63 12.10
C MET A 222 -4.63 -12.13 12.07
N LEU A 223 -3.57 -12.93 12.12
CA LEU A 223 -3.68 -14.37 12.13
C LEU A 223 -4.31 -14.80 13.44
N ARG A 224 -4.16 -13.96 14.46
CA ARG A 224 -4.73 -14.22 15.76
C ARG A 224 -6.23 -13.90 15.72
N LEU A 225 -6.57 -12.84 15.00
CA LEU A 225 -7.96 -12.44 14.87
C LEU A 225 -8.72 -13.35 13.93
N GLY A 226 -7.99 -14.17 13.17
CA GLY A 226 -8.64 -15.10 12.27
C GLY A 226 -8.56 -14.84 10.78
N ALA A 227 -7.53 -14.15 10.32
CA ALA A 227 -7.38 -13.95 8.88
C ALA A 227 -6.47 -15.08 8.50
N PRO A 228 -6.89 -15.94 7.55
CA PRO A 228 -5.96 -17.01 7.22
C PRO A 228 -4.70 -16.51 6.52
N ALA A 229 -3.61 -17.26 6.65
CA ALA A 229 -2.38 -16.86 6.01
C ALA A 229 -2.57 -16.81 4.51
N ASN A 230 -3.19 -17.83 3.94
CA ASN A 230 -3.37 -17.87 2.49
C ASN A 230 -4.16 -16.69 1.95
N LYS A 231 -4.51 -15.75 2.82
CA LYS A 231 -5.26 -14.57 2.40
C LYS A 231 -4.60 -13.25 2.81
N LEU A 232 -3.43 -13.32 3.42
CA LEU A 232 -2.75 -12.11 3.87
C LEU A 232 -1.62 -11.70 2.97
N VAL A 233 -1.53 -10.40 2.74
CA VAL A 233 -0.46 -9.85 1.93
C VAL A 233 0.16 -8.74 2.78
N MET A 234 1.44 -8.87 3.09
CA MET A 234 2.14 -7.90 3.92
C MET A 234 2.52 -6.69 3.06
N GLY A 235 2.32 -5.49 3.59
CA GLY A 235 2.64 -4.30 2.82
C GLY A 235 4.06 -3.80 2.93
N ILE A 236 4.70 -3.57 1.80
CA ILE A 236 6.07 -3.12 1.79
C ILE A 236 6.24 -1.74 1.15
N PRO A 237 6.74 -0.77 1.94
CA PRO A 237 6.97 0.60 1.46
C PRO A 237 8.13 0.68 0.46
N THR A 238 7.93 1.46 -0.58
CA THR A 238 8.94 1.61 -1.60
C THR A 238 9.42 3.05 -1.47
N PHE A 239 8.97 3.69 -0.39
CA PHE A 239 9.28 5.08 -0.11
C PHE A 239 9.89 5.21 1.27
N GLY A 240 10.34 6.43 1.57
CA GLY A 240 10.93 6.73 2.85
C GLY A 240 10.24 7.94 3.47
N ARG A 241 10.47 8.16 4.75
CA ARG A 241 9.90 9.30 5.43
C ARG A 241 11.05 10.10 6.02
N SER A 242 11.10 11.38 5.69
CA SER A 242 12.15 12.28 6.16
C SER A 242 11.67 13.12 7.33
N TYR A 243 12.59 13.62 8.13
CA TYR A 243 12.26 14.49 9.27
C TYR A 243 13.42 15.44 9.43
N THR A 244 13.11 16.67 9.80
CA THR A 244 14.12 17.68 10.05
C THR A 244 14.51 17.57 11.52
N LEU A 245 15.78 17.28 11.76
CA LEU A 245 16.29 17.16 13.12
C LEU A 245 16.20 18.49 13.86
N ALA A 246 16.09 18.41 15.18
CA ALA A 246 16.02 19.61 16.01
C ALA A 246 17.34 19.79 16.77
N SER A 247 18.33 19.00 16.40
CA SER A 247 19.65 19.07 17.04
C SER A 247 20.64 18.24 16.21
N SER A 248 21.83 18.03 16.76
CA SER A 248 22.85 17.24 16.06
C SER A 248 22.75 15.80 16.56
N LYS A 249 21.82 15.57 17.49
CA LYS A 249 21.59 14.26 18.04
C LYS A 249 20.87 13.50 16.92
N THR A 250 21.46 12.39 16.49
CA THR A 250 20.97 11.61 15.37
C THR A 250 20.52 10.16 15.58
N ASP A 251 20.67 9.61 16.78
CA ASP A 251 20.28 8.22 16.95
C ASP A 251 18.96 8.07 17.69
N VAL A 252 18.68 6.85 18.16
CA VAL A 252 17.42 6.56 18.85
C VAL A 252 16.92 7.66 19.79
N GLY A 253 15.67 8.04 19.60
CA GLY A 253 15.04 9.05 20.43
C GLY A 253 15.41 10.48 20.07
N ALA A 254 16.28 10.66 19.09
CA ALA A 254 16.70 12.00 18.68
C ALA A 254 15.50 12.95 18.54
N PRO A 255 15.66 14.22 18.91
CA PRO A 255 14.56 15.20 18.81
C PRO A 255 14.27 15.61 17.36
N ILE A 256 13.03 16.04 17.10
CA ILE A 256 12.60 16.40 15.75
C ILE A 256 11.84 17.74 15.68
N SER A 257 12.18 18.60 14.71
CA SER A 257 11.55 19.92 14.55
C SER A 257 10.32 19.90 13.67
N GLY A 258 10.13 18.79 12.97
CA GLY A 258 9.03 18.67 12.03
C GLY A 258 9.48 17.78 10.89
N PRO A 259 8.64 17.59 9.87
CA PRO A 259 9.05 16.72 8.76
C PRO A 259 10.22 17.25 7.96
N GLY A 260 10.83 16.37 7.16
CA GLY A 260 11.94 16.75 6.31
C GLY A 260 11.45 17.50 5.09
N ILE A 261 12.35 18.21 4.42
CA ILE A 261 12.01 19.00 3.23
C ILE A 261 11.50 18.17 2.06
N PRO A 262 10.64 18.78 1.22
CA PRO A 262 10.02 18.18 0.03
C PRO A 262 11.06 17.72 -0.99
N GLY A 263 10.80 16.58 -1.63
CA GLY A 263 11.71 16.09 -2.65
C GLY A 263 11.54 16.86 -3.94
N ARG A 264 12.53 16.80 -4.81
CA ARG A 264 12.49 17.55 -6.07
C ARG A 264 11.35 17.10 -6.96
N PHE A 265 11.08 15.79 -6.95
CA PHE A 265 10.05 15.20 -7.80
C PHE A 265 8.70 14.97 -7.14
N THR A 266 8.72 14.35 -5.98
CA THR A 266 7.51 14.04 -5.22
C THR A 266 6.90 15.30 -4.58
N LYS A 267 7.71 16.33 -4.41
CA LYS A 267 7.30 17.63 -3.84
C LYS A 267 6.34 17.59 -2.66
N TRP A 268 6.60 16.70 -1.71
CA TRP A 268 5.73 16.61 -0.55
C TRP A 268 6.54 16.51 0.72
N LYS A 269 6.22 17.39 1.67
CA LYS A 269 6.91 17.44 2.95
C LYS A 269 6.71 16.21 3.80
N GLY A 270 7.81 15.59 4.20
CA GLY A 270 7.73 14.41 5.06
C GLY A 270 7.87 13.10 4.34
N ILE A 271 7.95 13.13 3.01
CA ILE A 271 8.06 11.90 2.25
C ILE A 271 9.04 11.97 1.07
N LEU A 272 9.65 10.83 0.73
CA LEU A 272 10.59 10.75 -0.38
C LEU A 272 10.42 9.44 -1.16
N ALA A 273 10.66 9.50 -2.46
CA ALA A 273 10.60 8.33 -3.33
C ALA A 273 11.95 7.61 -3.24
N TYR A 274 11.97 6.32 -3.57
CA TYR A 274 13.22 5.60 -3.49
C TYR A 274 14.25 6.13 -4.49
N TYR A 275 13.79 6.69 -5.60
CA TYR A 275 14.75 7.24 -6.55
C TYR A 275 15.30 8.56 -6.01
N GLU A 276 14.47 9.30 -5.26
CA GLU A 276 14.91 10.54 -4.66
C GLU A 276 15.84 10.19 -3.50
N ILE A 277 15.61 9.05 -2.89
CA ILE A 277 16.41 8.60 -1.75
C ILE A 277 17.80 8.09 -2.13
N CYS A 278 17.90 7.36 -3.24
CA CYS A 278 19.20 6.85 -3.67
C CYS A 278 20.11 8.02 -3.96
N ASP A 279 19.50 9.14 -4.31
CA ASP A 279 20.24 10.34 -4.65
C ASP A 279 20.69 11.06 -3.38
N PHE A 280 19.83 10.99 -2.37
CA PHE A 280 20.08 11.59 -1.07
C PHE A 280 21.22 10.86 -0.36
N LEU A 281 21.23 9.54 -0.51
CA LEU A 281 22.25 8.71 0.10
C LEU A 281 23.68 9.18 -0.16
N HIS A 282 23.91 9.82 -1.30
CA HIS A 282 25.23 10.32 -1.64
C HIS A 282 25.70 11.35 -0.61
N GLY A 283 26.74 11.02 0.15
CA GLY A 283 27.23 11.95 1.16
C GLY A 283 26.35 11.95 2.40
N ALA A 284 25.83 10.77 2.75
CA ALA A 284 24.97 10.61 3.92
C ALA A 284 25.60 9.59 4.85
N THR A 285 25.15 9.55 6.09
CA THR A 285 25.67 8.56 7.04
C THR A 285 24.55 7.55 7.20
N THR A 286 24.83 6.32 6.78
CA THR A 286 23.87 5.23 6.83
C THR A 286 24.03 4.40 8.09
N HIS A 287 22.91 3.87 8.58
CA HIS A 287 22.91 3.02 9.77
C HIS A 287 21.89 1.93 9.57
N ARG A 288 21.68 1.13 10.59
CA ARG A 288 20.70 0.06 10.49
C ARG A 288 20.25 -0.37 11.86
N PHE A 289 18.94 -0.45 12.04
CA PHE A 289 18.40 -0.90 13.30
C PHE A 289 18.64 -2.41 13.21
N ARG A 290 19.62 -2.90 13.97
CA ARG A 290 19.94 -4.32 13.98
C ARG A 290 18.66 -5.03 14.38
N ASP A 291 18.13 -4.57 15.49
CA ASP A 291 16.87 -5.03 16.08
C ASP A 291 15.74 -5.15 15.07
N GLN A 292 15.30 -4.02 14.53
CA GLN A 292 14.18 -3.94 13.60
C GLN A 292 14.50 -4.21 12.11
N GLN A 293 15.74 -4.56 11.81
CA GLN A 293 16.14 -4.83 10.44
C GLN A 293 15.61 -3.89 9.35
N VAL A 294 15.92 -2.60 9.45
CA VAL A 294 15.53 -1.62 8.45
C VAL A 294 16.54 -0.51 8.60
N PRO A 295 16.87 0.15 7.49
CA PRO A 295 17.87 1.22 7.50
C PRO A 295 17.34 2.62 7.64
N TYR A 296 18.25 3.54 7.94
CA TYR A 296 17.95 4.95 8.00
C TYR A 296 19.19 5.71 7.62
N ALA A 297 19.01 6.91 7.12
CA ALA A 297 20.12 7.73 6.65
C ALA A 297 20.11 9.10 7.32
N THR A 298 21.21 9.82 7.17
CA THR A 298 21.26 11.14 7.75
C THR A 298 22.35 12.04 7.16
N LYS A 299 21.97 13.28 6.91
CA LYS A 299 22.84 14.29 6.32
C LYS A 299 22.26 15.68 6.68
N GLY A 300 23.14 16.61 7.08
CA GLY A 300 22.67 17.92 7.47
C GLY A 300 21.66 17.79 8.58
N ASN A 301 20.51 18.42 8.41
CA ASN A 301 19.44 18.34 9.42
C ASN A 301 18.32 17.53 8.80
N GLN A 302 18.70 16.46 8.10
CA GLN A 302 17.76 15.57 7.46
C GLN A 302 18.15 14.12 7.79
N TRP A 303 17.17 13.43 8.39
CA TRP A 303 17.28 12.04 8.84
C TRP A 303 16.16 11.24 8.16
N VAL A 304 16.48 10.09 7.57
CA VAL A 304 15.46 9.30 6.90
C VAL A 304 15.36 7.83 7.27
N ALA A 305 14.14 7.36 7.48
CA ALA A 305 13.88 5.95 7.74
C ALA A 305 13.39 5.49 6.37
N TYR A 306 14.02 4.48 5.79
CA TYR A 306 13.63 4.04 4.45
C TYR A 306 13.78 2.53 4.28
N ASP A 307 13.48 2.03 3.08
CA ASP A 307 13.63 0.59 2.80
C ASP A 307 14.51 0.31 1.60
N ASP A 308 15.53 -0.52 1.84
CA ASP A 308 16.45 -0.90 0.79
C ASP A 308 16.26 -2.35 0.33
N GLN A 309 16.97 -2.76 -0.71
CA GLN A 309 16.86 -4.13 -1.21
C GLN A 309 17.13 -5.21 -0.18
N GLU A 310 18.02 -4.98 0.76
CA GLU A 310 18.25 -6.03 1.75
C GLU A 310 17.04 -6.13 2.68
N SER A 311 16.58 -4.99 3.20
CA SER A 311 15.44 -4.98 4.12
C SER A 311 14.18 -5.52 3.47
N VAL A 312 13.98 -5.14 2.23
CA VAL A 312 12.81 -5.56 1.50
C VAL A 312 12.82 -7.05 1.17
N LYS A 313 14.01 -7.63 1.02
CA LYS A 313 14.15 -9.06 0.75
C LYS A 313 13.94 -9.80 2.04
N ASN A 314 14.40 -9.17 3.11
CA ASN A 314 14.31 -9.70 4.45
C ASN A 314 12.85 -9.80 4.87
N LYS A 315 12.02 -8.87 4.37
CA LYS A 315 10.60 -8.89 4.67
C LYS A 315 9.96 -9.95 3.80
N ALA A 316 10.42 -10.00 2.56
CA ALA A 316 9.92 -10.97 1.61
C ALA A 316 10.30 -12.37 2.07
N ARG A 317 11.33 -12.50 2.90
CA ARG A 317 11.70 -13.81 3.40
C ARG A 317 10.77 -14.17 4.54
N TYR A 318 10.65 -13.24 5.48
CA TYR A 318 9.78 -13.39 6.66
C TYR A 318 8.36 -13.87 6.37
N LEU A 319 7.75 -13.27 5.35
CA LEU A 319 6.38 -13.62 5.03
C LEU A 319 6.23 -14.96 4.31
N LYS A 320 7.34 -15.46 3.75
CA LYS A 320 7.34 -16.76 3.10
C LYS A 320 7.29 -17.75 4.24
N ASN A 321 8.18 -17.56 5.21
CA ASN A 321 8.25 -18.43 6.39
C ASN A 321 6.92 -18.44 7.13
N ARG A 322 6.28 -17.29 7.20
CA ARG A 322 5.01 -17.17 7.89
C ARG A 322 3.95 -17.83 7.02
N GLN A 323 4.29 -18.04 5.76
CA GLN A 323 3.37 -18.68 4.81
C GLN A 323 2.22 -17.79 4.42
N LEU A 324 2.50 -16.50 4.27
CA LEU A 324 1.44 -15.58 3.91
C LEU A 324 1.18 -15.73 2.41
N ALA A 325 0.12 -15.11 1.92
CA ALA A 325 -0.28 -15.17 0.52
C ALA A 325 0.69 -14.47 -0.42
N GLY A 326 1.31 -13.39 0.04
CA GLY A 326 2.24 -12.67 -0.80
C GLY A 326 2.52 -11.31 -0.22
N ALA A 327 3.12 -10.42 -1.01
CA ALA A 327 3.45 -9.08 -0.54
C ALA A 327 2.69 -7.96 -1.28
N MET A 328 2.52 -6.82 -0.63
CA MET A 328 1.88 -5.67 -1.24
C MET A 328 2.89 -4.55 -1.25
N VAL A 329 2.99 -3.84 -2.36
CA VAL A 329 3.95 -2.78 -2.47
C VAL A 329 3.36 -1.39 -2.55
N TRP A 330 3.55 -0.62 -1.47
CA TRP A 330 3.12 0.77 -1.64
C TRP A 330 4.17 1.67 -2.37
N ALA A 331 3.77 1.52 -3.64
CA ALA A 331 3.98 2.06 -4.95
C ALA A 331 5.13 2.14 -5.81
N LEU A 332 4.68 1.68 -6.92
CA LEU A 332 5.31 1.51 -8.17
C LEU A 332 5.92 2.76 -8.65
N ASP A 333 5.19 3.86 -8.63
CA ASP A 333 5.74 5.09 -9.12
C ASP A 333 6.85 5.64 -8.24
N LEU A 334 6.99 5.06 -7.03
CA LEU A 334 7.99 5.49 -6.03
C LEU A 334 9.20 4.59 -5.93
N ASP A 335 9.24 3.57 -6.75
CA ASP A 335 10.37 2.67 -6.80
C ASP A 335 11.17 3.38 -7.88
N ASP A 336 12.42 2.99 -8.11
CA ASP A 336 13.18 3.61 -9.20
C ASP A 336 12.66 3.00 -10.50
N PHE A 337 11.50 3.46 -10.96
CA PHE A 337 10.93 2.85 -12.15
C PHE A 337 11.70 3.02 -13.44
N ARG A 338 12.47 4.09 -13.59
CA ARG A 338 13.27 4.28 -14.80
C ARG A 338 14.58 3.50 -14.62
N GLY A 339 14.91 3.21 -13.36
CA GLY A 339 16.09 2.45 -13.03
C GLY A 339 17.38 3.22 -13.20
N THR A 340 17.24 4.53 -13.41
CA THR A 340 18.36 5.42 -13.65
C THR A 340 18.88 6.23 -12.46
N PHE A 341 18.37 5.99 -11.26
CA PHE A 341 18.82 6.77 -10.10
C PHE A 341 19.65 6.01 -9.05
N CYS A 342 19.47 4.70 -8.95
CA CYS A 342 20.14 3.94 -7.91
C CYS A 342 21.42 3.16 -8.18
N GLY A 343 22.23 3.63 -9.12
CA GLY A 343 23.48 2.92 -9.40
C GLY A 343 23.31 1.85 -10.44
N GLN A 344 22.81 0.68 -10.04
CA GLN A 344 22.63 -0.38 -11.00
C GLN A 344 21.56 -0.03 -12.04
N ASN A 345 21.80 -0.43 -13.29
CA ASN A 345 20.88 -0.15 -14.38
C ASN A 345 19.78 -1.21 -14.30
N LEU A 346 18.90 -1.05 -13.31
CA LEU A 346 17.83 -2.01 -13.06
C LEU A 346 16.57 -1.22 -12.73
N THR A 347 15.53 -1.39 -13.53
CA THR A 347 14.30 -0.65 -13.29
C THR A 347 13.45 -1.39 -12.24
N PHE A 348 12.83 -0.64 -11.33
CA PHE A 348 12.06 -1.22 -10.24
C PHE A 348 12.99 -2.06 -9.36
N PRO A 349 14.13 -1.50 -8.97
CA PRO A 349 15.01 -2.33 -8.15
C PRO A 349 14.27 -3.01 -7.00
N LEU A 350 13.70 -2.22 -6.09
CA LEU A 350 13.00 -2.72 -4.90
C LEU A 350 11.92 -3.79 -5.09
N THR A 351 11.07 -3.64 -6.10
CA THR A 351 10.00 -4.60 -6.34
C THR A 351 10.56 -5.87 -6.99
N SER A 352 11.71 -5.75 -7.63
CA SER A 352 12.35 -6.89 -8.26
C SER A 352 13.00 -7.79 -7.23
N ALA A 353 13.64 -7.18 -6.24
CA ALA A 353 14.30 -7.90 -5.15
C ALA A 353 13.35 -8.87 -4.49
N ILE A 354 12.13 -8.41 -4.22
CA ILE A 354 11.09 -9.23 -3.61
C ILE A 354 10.71 -10.38 -4.55
N LYS A 355 10.27 -10.00 -5.75
CA LYS A 355 9.88 -10.96 -6.78
C LYS A 355 10.86 -12.11 -6.84
N ASP A 356 12.14 -11.79 -6.71
CA ASP A 356 13.19 -12.81 -6.75
C ASP A 356 13.03 -13.68 -5.53
N VAL A 357 12.85 -13.05 -4.38
CA VAL A 357 12.71 -13.76 -3.12
C VAL A 357 11.47 -14.63 -3.08
N LEU A 358 10.38 -14.19 -3.70
CA LEU A 358 9.15 -14.98 -3.71
C LEU A 358 9.28 -16.24 -4.55
N ALA A 359 10.32 -16.32 -5.38
CA ALA A 359 10.52 -17.46 -6.26
C ALA A 359 11.70 -18.35 -5.87
N ARG A 360 12.25 -18.12 -4.68
CA ARG A 360 13.35 -18.95 -4.18
C ARG A 360 12.75 -20.10 -3.38
N VAL A 361 13.60 -20.97 -2.87
CA VAL A 361 13.18 -22.05 -1.98
C VAL A 361 14.14 -21.91 -0.82
C1 NAG B . -15.94 12.92 -6.15
C2 NAG B . -15.41 14.29 -6.66
C3 NAG B . -16.14 15.55 -6.16
C4 NAG B . -17.56 15.26 -5.67
C5 NAG B . -17.47 14.11 -4.70
C6 NAG B . -18.80 13.85 -4.02
C7 NAG B . -13.07 14.21 -7.28
C8 NAG B . -11.60 14.43 -6.91
N2 NAG B . -14.00 14.41 -6.34
O3 NAG B . -16.21 16.47 -7.24
O4 NAG B . -18.12 16.40 -5.03
O5 NAG B . -17.16 12.93 -5.42
O6 NAG B . -19.49 12.78 -4.67
O7 NAG B . -13.35 13.85 -8.43
O1 AIN C . 3.96 12.05 -5.04
C7 AIN C . 3.11 11.34 -4.43
O2 AIN C . 2.55 10.37 -5.01
C3 AIN C . 2.73 11.63 -3.03
C4 AIN C . 2.31 12.94 -2.73
C5 AIN C . 1.93 13.30 -1.42
C6 AIN C . 1.97 12.36 -0.36
C1 AIN C . 2.38 11.05 -0.61
C2 AIN C . 2.79 10.61 -1.91
O3 AIN C . 3.18 9.26 -2.08
C8 AIN C . 2.20 8.14 -1.82
O4 AIN C . 1.79 7.43 -2.75
C9 AIN C . 1.72 7.87 -0.40
#